data_2AEV
#
_entry.id   2AEV
#
_cell.length_a   57.998
_cell.length_b   72.736
_cell.length_c   82.625
_cell.angle_alpha   90.00
_cell.angle_beta   90.00
_cell.angle_gamma   90.00
#
_symmetry.space_group_name_H-M   'P 21 21 2'
#
loop_
_entity.id
_entity.type
_entity.pdbx_description
1 polymer 'Hypothetical protein MJ0158'
2 non-polymer 'SULFATE ION'
3 water water
#
_entity_poly.entity_id   1
_entity_poly.type   'polypeptide(L)'
_entity_poly.pdbx_seq_one_letter_code
;MLSDYEEFLRLEKARKIILEILNEKGRDALYDLSGLSGGFLIDEKDKALLNTYIGSSYFAEKVNEYGLKHLGGDENDKCV
GFNRTSSAILATILALKPKKVIHYLPELPGHPSIERSCKIVNAKYFESDKVGEILNKIDKDTLVIITGSTMDLKVIELEN
FKKVINTAKNKEAIVFVDDASGARVRLLFNQPPALKLGADLVVTSTD(LLP)LMEGPRGGLLAGKKELVDKIYIEGTKFG
LEAQPPLLAGIYRALKNFNLERIRKAFERAKNFDLSKIEKLNKELKAIDDNINIVYERTPTGFVIKRVYKDDTINIKKLI
EIGFNLLKNYGIITITVAGMPGASKSLRIDLTSRDAERIDDNYIIKAIVESIKMAFKS
;
_entity_poly.pdbx_strand_id   A
#
# COMPACT_ATOMS: atom_id res chain seq x y z
N LEU A 9 -3.37 -20.79 11.61
CA LEU A 9 -2.43 -19.85 10.92
C LEU A 9 -1.65 -18.99 11.93
N ARG A 10 -1.15 -19.65 12.99
CA ARG A 10 -0.28 -19.04 14.01
C ARG A 10 -0.98 -18.00 14.91
N LEU A 11 -1.06 -18.34 16.20
CA LEU A 11 -1.48 -17.41 17.28
C LEU A 11 -2.78 -16.64 17.03
N GLU A 12 -3.85 -17.08 17.68
CA GLU A 12 -5.16 -16.47 17.54
C GLU A 12 -5.59 -15.70 18.79
N LYS A 13 -4.66 -15.55 19.73
CA LYS A 13 -4.89 -14.77 20.96
C LYS A 13 -5.16 -13.30 20.62
N ALA A 14 -4.50 -12.79 19.59
CA ALA A 14 -4.70 -11.41 19.11
C ALA A 14 -6.11 -11.21 18.55
N ARG A 15 -6.60 -12.23 17.84
CA ARG A 15 -7.97 -12.23 17.32
C ARG A 15 -8.97 -12.16 18.47
N LYS A 16 -8.78 -13.01 19.48
CA LYS A 16 -9.69 -13.12 20.62
C LYS A 16 -9.92 -11.78 21.31
N ILE A 17 -8.83 -11.12 21.70
CA ILE A 17 -8.92 -9.87 22.47
C ILE A 17 -9.59 -8.74 21.70
N ILE A 18 -9.28 -8.63 20.40
CA ILE A 18 -9.94 -7.68 19.48
C ILE A 18 -11.46 -7.90 19.48
N LEU A 19 -11.86 -9.17 19.51
CA LEU A 19 -13.28 -9.54 19.58
C LEU A 19 -13.90 -9.21 20.94
N GLU A 20 -13.13 -9.40 22.00
CA GLU A 20 -13.52 -8.95 23.34
C GLU A 20 -13.75 -7.43 23.35
N ILE A 21 -12.78 -6.68 22.82
CA ILE A 21 -12.88 -5.22 22.73
C ILE A 21 -14.08 -4.77 21.89
N LEU A 22 -14.27 -5.40 20.73
CA LEU A 22 -15.43 -5.14 19.87
C LEU A 22 -16.77 -5.34 20.57
N ASN A 23 -16.86 -6.42 21.35
CA ASN A 23 -18.08 -6.76 22.09
C ASN A 23 -18.33 -5.85 23.29
N GLU A 24 -17.26 -5.54 24.03
CA GLU A 24 -17.39 -4.77 25.26
C GLU A 24 -17.46 -3.26 25.02
N LYS A 25 -16.72 -2.78 24.02
CA LYS A 25 -16.66 -1.34 23.72
C LYS A 25 -17.16 -1.01 22.32
N GLY A 26 -16.47 -1.52 21.29
CA GLY A 26 -16.87 -1.28 19.90
C GLY A 26 -15.71 -1.01 18.97
N ARG A 27 -16.01 -0.87 17.68
CA ARG A 27 -15.01 -0.64 16.64
C ARG A 27 -14.12 0.58 16.88
N ASP A 28 -14.71 1.65 17.44
CA ASP A 28 -13.97 2.90 17.69
C ASP A 28 -12.88 2.77 18.74
N ALA A 29 -12.90 1.68 19.49
CA ALA A 29 -11.89 1.39 20.51
C ALA A 29 -10.70 0.62 19.95
N LEU A 30 -10.75 0.30 18.65
CA LEU A 30 -9.63 -0.39 18.01
C LEU A 30 -8.88 0.56 17.12
N TYR A 31 -7.55 0.49 17.17
CA TYR A 31 -6.68 1.32 16.34
C TYR A 31 -5.60 0.46 15.73
N ASP A 32 -5.71 0.19 14.44
CA ASP A 32 -4.67 -0.55 13.74
C ASP A 32 -3.65 0.45 13.19
N LEU A 33 -2.54 0.57 13.90
CA LEU A 33 -1.46 1.45 13.52
C LEU A 33 -0.33 0.69 12.81
N SER A 34 -0.60 -0.55 12.39
CA SER A 34 0.47 -1.38 11.78
C SER A 34 0.82 -0.93 10.36
N GLY A 35 -0.08 -0.15 9.75
CA GLY A 35 0.11 0.33 8.39
C GLY A 35 -0.32 -0.63 7.31
N LEU A 36 -0.24 -1.93 7.59
CA LEU A 36 -0.48 -2.98 6.57
C LEU A 36 -1.96 -3.41 6.44
N SER A 37 -2.87 -2.52 6.80
CA SER A 37 -4.29 -2.87 6.83
C SER A 37 -5.06 -2.36 5.62
N GLY A 38 -5.90 -3.23 5.06
CA GLY A 38 -6.86 -2.85 4.03
C GLY A 38 -7.99 -2.02 4.61
N GLY A 39 -8.53 -1.12 3.79
CA GLY A 39 -9.56 -0.18 4.25
C GLY A 39 -10.90 -0.42 3.60
N PHE A 40 -11.79 -1.10 4.32
CA PHE A 40 -13.12 -1.38 3.81
C PHE A 40 -14.14 -0.46 4.45
N LEU A 41 -14.46 0.63 3.75
CA LEU A 41 -15.20 1.75 4.31
C LEU A 41 -16.57 1.95 3.66
N ILE A 42 -17.33 0.87 3.49
CA ILE A 42 -18.64 0.99 2.86
C ILE A 42 -19.75 1.32 3.87
N ASP A 43 -20.75 2.07 3.43
CA ASP A 43 -21.88 2.44 4.29
C ASP A 43 -23.11 1.59 3.96
N GLU A 44 -24.18 1.76 4.73
CA GLU A 44 -25.39 0.94 4.54
C GLU A 44 -26.06 1.13 3.17
N LYS A 45 -25.96 2.34 2.62
CA LYS A 45 -26.39 2.61 1.25
C LYS A 45 -25.67 1.70 0.24
N ASP A 46 -24.34 1.58 0.37
CA ASP A 46 -23.54 0.68 -0.47
C ASP A 46 -23.94 -0.76 -0.26
N LYS A 47 -24.06 -1.14 1.02
CA LYS A 47 -24.41 -2.51 1.41
C LYS A 47 -25.76 -2.91 0.82
N ALA A 48 -26.74 -2.01 0.88
CA ALA A 48 -28.04 -2.23 0.25
C ALA A 48 -27.94 -2.38 -1.27
N LEU A 49 -27.13 -1.53 -1.90
CA LEU A 49 -26.88 -1.60 -3.34
C LEU A 49 -26.18 -2.90 -3.75
N LEU A 50 -25.27 -3.38 -2.90
CA LEU A 50 -24.56 -4.63 -3.14
C LEU A 50 -25.46 -5.87 -3.04
N ASN A 51 -26.65 -5.70 -2.49
CA ASN A 51 -27.61 -6.80 -2.44
C ASN A 51 -28.72 -6.67 -3.48
N THR A 52 -28.40 -5.94 -4.55
CA THR A 52 -29.25 -5.86 -5.75
C THR A 52 -28.40 -6.09 -7.00
N TYR A 53 -29.04 -6.41 -8.13
CA TYR A 53 -28.29 -6.64 -9.37
C TYR A 53 -27.74 -5.36 -10.00
N ILE A 54 -28.34 -4.21 -9.67
CA ILE A 54 -27.86 -2.92 -10.19
C ILE A 54 -26.59 -2.46 -9.48
N GLY A 55 -26.20 -3.19 -8.44
CA GLY A 55 -24.99 -2.90 -7.66
C GLY A 55 -23.69 -3.05 -8.43
N SER A 56 -23.65 -4.00 -9.37
CA SER A 56 -22.43 -4.25 -10.15
C SER A 56 -22.13 -3.12 -11.12
N SER A 57 -23.16 -2.66 -11.83
CA SER A 57 -23.01 -1.54 -12.77
C SER A 57 -22.79 -0.21 -12.07
N TYR A 58 -23.45 -0.02 -10.92
CA TYR A 58 -23.36 1.22 -10.14
C TYR A 58 -21.94 1.51 -9.65
N PHE A 59 -21.32 0.53 -9.02
CA PHE A 59 -19.99 0.71 -8.44
C PHE A 59 -18.87 0.73 -9.47
N ALA A 60 -19.05 -0.03 -10.56
CA ALA A 60 -18.18 0.03 -11.73
C ALA A 60 -18.17 1.44 -12.33
N GLU A 61 -19.34 2.08 -12.35
CA GLU A 61 -19.48 3.45 -12.84
C GLU A 61 -18.80 4.47 -11.91
N LYS A 62 -18.94 4.29 -10.60
CA LYS A 62 -18.34 5.22 -9.63
C LYS A 62 -16.81 5.09 -9.64
N VAL A 63 -16.34 3.86 -9.80
CA VAL A 63 -14.91 3.57 -9.88
C VAL A 63 -14.28 4.16 -11.14
N ASN A 64 -14.98 4.03 -12.27
CA ASN A 64 -14.57 4.65 -13.51
C ASN A 64 -14.44 6.16 -13.30
N GLU A 65 -15.47 6.75 -12.69
CA GLU A 65 -15.53 8.20 -12.45
C GLU A 65 -14.45 8.72 -11.49
N TYR A 66 -14.39 8.17 -10.27
CA TYR A 66 -13.43 8.67 -9.29
C TYR A 66 -12.01 8.17 -9.59
N GLY A 67 -11.91 7.05 -10.32
CA GLY A 67 -10.62 6.51 -10.76
C GLY A 67 -10.00 7.33 -11.87
N LEU A 68 -10.80 7.71 -12.87
CA LEU A 68 -10.28 8.60 -13.91
C LEU A 68 -9.80 9.92 -13.31
N LYS A 69 -10.60 10.50 -12.40
CA LYS A 69 -10.22 11.73 -11.69
C LYS A 69 -8.87 11.58 -10.98
N HIS A 70 -8.72 10.49 -10.22
CA HIS A 70 -7.50 10.23 -9.46
C HIS A 70 -6.27 10.02 -10.35
N LEU A 71 -6.47 9.38 -11.50
CA LEU A 71 -5.36 9.03 -12.39
C LEU A 71 -5.09 10.00 -13.55
N GLY A 72 -5.78 11.14 -13.55
CA GLY A 72 -5.59 12.16 -14.58
C GLY A 72 -6.00 11.74 -15.98
N GLY A 73 -7.00 10.86 -16.08
CA GLY A 73 -7.54 10.44 -17.37
C GLY A 73 -8.43 11.48 -18.04
N ASP A 74 -8.53 11.41 -19.36
CA ASP A 74 -9.41 12.29 -20.13
C ASP A 74 -10.65 11.55 -20.63
N GLU A 75 -11.43 12.20 -21.49
CA GLU A 75 -12.71 11.66 -21.99
C GLU A 75 -12.58 10.40 -22.86
N ASN A 76 -11.38 10.14 -23.34
CA ASN A 76 -11.08 8.98 -24.18
C ASN A 76 -10.67 7.77 -23.34
N ASP A 77 -10.61 7.98 -22.03
CA ASP A 77 -10.06 6.98 -21.13
C ASP A 77 -11.17 6.26 -20.35
N LYS A 78 -10.84 5.10 -19.81
CA LYS A 78 -11.72 4.33 -18.93
C LYS A 78 -10.88 3.86 -17.74
N CYS A 79 -11.51 3.68 -16.58
CA CYS A 79 -10.83 3.12 -15.42
C CYS A 79 -11.64 1.95 -14.85
N VAL A 80 -11.01 0.78 -14.73
CA VAL A 80 -11.69 -0.41 -14.23
C VAL A 80 -10.99 -1.01 -13.00
N GLY A 81 -11.73 -1.81 -12.24
CA GLY A 81 -11.21 -2.43 -11.04
C GLY A 81 -10.82 -3.88 -11.24
N PHE A 82 -9.63 -4.21 -10.78
CA PHE A 82 -9.11 -5.59 -10.75
C PHE A 82 -8.94 -6.07 -9.33
N ASN A 83 -8.88 -7.40 -9.15
CA ASN A 83 -8.85 -7.96 -7.79
C ASN A 83 -7.60 -7.52 -7.03
N ARG A 84 -6.50 -7.39 -7.77
CA ARG A 84 -5.20 -6.96 -7.24
C ARG A 84 -4.49 -6.31 -8.41
N THR A 85 -3.35 -5.67 -8.16
CA THR A 85 -2.54 -5.11 -9.23
C THR A 85 -1.91 -6.21 -10.08
N SER A 86 -1.48 -7.29 -9.42
CA SER A 86 -0.93 -8.45 -10.13
C SER A 86 -1.98 -9.02 -11.12
N SER A 87 -3.26 -8.92 -10.74
CA SER A 87 -4.37 -9.36 -11.60
C SER A 87 -4.44 -8.51 -12.87
N ALA A 88 -4.31 -7.20 -12.72
CA ALA A 88 -4.34 -6.28 -13.88
C ALA A 88 -3.13 -6.51 -14.77
N ILE A 89 -1.97 -6.75 -14.17
N ILE A 89 -1.98 -6.73 -14.14
CA ILE A 89 -0.74 -7.02 -14.92
CA ILE A 89 -0.73 -7.06 -14.83
C ILE A 89 -0.87 -8.32 -15.74
C ILE A 89 -0.90 -8.30 -15.72
N LEU A 90 -1.37 -9.39 -15.13
CA LEU A 90 -1.60 -10.64 -15.87
C LEU A 90 -2.60 -10.47 -17.01
N ALA A 91 -3.72 -9.80 -16.72
CA ALA A 91 -4.76 -9.53 -17.72
C ALA A 91 -4.22 -8.76 -18.93
N THR A 92 -3.41 -7.73 -18.65
CA THR A 92 -2.78 -6.91 -19.68
C THR A 92 -1.88 -7.75 -20.59
N ILE A 93 -1.01 -8.54 -19.96
CA ILE A 93 -0.06 -9.40 -20.67
C ILE A 93 -0.79 -10.52 -21.44
N LEU A 94 -1.83 -11.09 -20.86
CA LEU A 94 -2.66 -12.07 -21.59
C LEU A 94 -3.43 -11.45 -22.79
N ALA A 95 -3.83 -10.19 -22.65
CA ALA A 95 -4.61 -9.55 -23.73
C ALA A 95 -3.70 -9.08 -24.86
N LEU A 96 -2.60 -8.40 -24.50
CA LEU A 96 -1.73 -7.76 -25.48
C LEU A 96 -0.77 -8.73 -26.12
N LYS A 97 -0.49 -9.84 -25.43
CA LYS A 97 0.41 -10.88 -25.92
C LYS A 97 1.72 -10.30 -26.48
N PRO A 98 2.42 -9.48 -25.70
CA PRO A 98 3.67 -8.92 -26.23
C PRO A 98 4.71 -10.03 -26.43
N LYS A 99 5.59 -9.88 -27.41
CA LYS A 99 6.68 -10.84 -27.60
C LYS A 99 7.77 -10.62 -26.54
N LYS A 100 7.87 -9.39 -26.06
CA LYS A 100 8.87 -9.02 -25.07
C LYS A 100 8.33 -7.94 -24.14
N VAL A 101 8.73 -8.00 -22.88
CA VAL A 101 8.38 -6.99 -21.89
C VAL A 101 9.65 -6.38 -21.31
N ILE A 102 9.71 -5.07 -21.35
CA ILE A 102 10.83 -4.31 -20.80
C ILE A 102 10.33 -3.57 -19.56
N HIS A 103 10.97 -3.81 -18.41
CA HIS A 103 10.50 -3.31 -17.12
C HIS A 103 11.55 -2.40 -16.47
N TYR A 104 11.26 -1.10 -16.48
CA TYR A 104 12.06 -0.09 -15.83
C TYR A 104 11.54 0.19 -14.43
N LEU A 105 12.43 0.20 -13.44
CA LEU A 105 12.00 0.35 -12.04
C LEU A 105 13.06 1.03 -11.19
N PRO A 106 12.68 1.56 -10.00
CA PRO A 106 13.64 2.28 -9.14
C PRO A 106 14.79 1.44 -8.54
N GLU A 107 14.51 0.20 -8.17
CA GLU A 107 15.52 -0.66 -7.51
C GLU A 107 15.40 -2.12 -7.98
N LEU A 108 16.55 -2.78 -8.12
CA LEU A 108 16.73 -3.95 -9.01
C LEU A 108 16.59 -5.39 -8.47
N PRO A 109 15.80 -5.61 -7.42
CA PRO A 109 14.88 -6.72 -7.48
C PRO A 109 13.44 -6.22 -7.61
N GLY A 110 12.79 -6.47 -8.75
CA GLY A 110 11.38 -6.05 -8.90
C GLY A 110 10.40 -6.99 -8.23
N HIS A 111 9.11 -6.64 -8.25
CA HIS A 111 8.05 -7.58 -7.92
C HIS A 111 7.88 -8.61 -9.05
N PRO A 112 7.72 -9.90 -8.69
CA PRO A 112 7.76 -10.96 -9.68
C PRO A 112 6.51 -11.15 -10.57
N SER A 113 5.42 -10.42 -10.35
CA SER A 113 4.18 -10.68 -11.11
C SER A 113 4.32 -10.48 -12.62
N ILE A 114 5.09 -9.49 -13.05
CA ILE A 114 5.26 -9.21 -14.50
C ILE A 114 6.02 -10.37 -15.18
N GLU A 115 7.16 -10.71 -14.60
CA GLU A 115 8.01 -11.82 -15.04
C GLU A 115 7.23 -13.15 -15.10
N ARG A 116 6.44 -13.41 -14.06
CA ARG A 116 5.62 -14.63 -14.00
C ARG A 116 4.56 -14.65 -15.08
N SER A 117 3.97 -13.49 -15.36
CA SER A 117 2.96 -13.35 -16.41
C SER A 117 3.60 -13.57 -17.78
N CYS A 118 4.82 -13.06 -17.94
CA CYS A 118 5.60 -13.27 -19.16
C CYS A 118 5.86 -14.76 -19.43
N LYS A 119 6.22 -15.49 -18.39
CA LYS A 119 6.49 -16.92 -18.48
C LYS A 119 5.30 -17.64 -19.10
N ILE A 120 4.11 -17.27 -18.62
CA ILE A 120 2.86 -17.87 -19.06
C ILE A 120 2.56 -17.64 -20.57
N VAL A 121 2.92 -16.45 -21.08
CA VAL A 121 2.67 -16.11 -22.50
C VAL A 121 3.93 -16.30 -23.37
N ASN A 122 4.93 -16.97 -22.81
CA ASN A 122 6.22 -17.17 -23.47
C ASN A 122 6.82 -15.87 -24.03
N ALA A 123 6.61 -14.77 -23.32
CA ALA A 123 7.23 -13.49 -23.65
C ALA A 123 8.56 -13.38 -22.93
N LYS A 124 9.55 -12.82 -23.60
CA LYS A 124 10.83 -12.50 -22.97
C LYS A 124 10.65 -11.38 -21.96
N TYR A 125 11.45 -11.40 -20.91
CA TYR A 125 11.37 -10.39 -19.86
C TYR A 125 12.75 -9.84 -19.56
N PHE A 126 12.83 -8.52 -19.35
CA PHE A 126 14.07 -7.88 -18.96
C PHE A 126 13.77 -6.74 -18.00
N GLU A 127 14.55 -6.64 -16.94
CA GLU A 127 14.38 -5.52 -15.99
C GLU A 127 15.70 -4.82 -15.68
N SER A 128 15.61 -3.53 -15.39
CA SER A 128 16.78 -2.72 -15.05
C SER A 128 16.32 -1.43 -14.41
N ASP A 129 17.10 -0.90 -13.48
CA ASP A 129 16.87 0.43 -12.92
C ASP A 129 17.76 1.48 -13.58
N LYS A 130 18.39 1.10 -14.69
CA LYS A 130 19.23 1.99 -15.49
C LYS A 130 18.53 2.33 -16.80
N VAL A 131 18.20 3.61 -16.98
CA VAL A 131 17.46 4.09 -18.15
C VAL A 131 18.13 3.72 -19.50
N GLY A 132 19.46 3.79 -19.54
CA GLY A 132 20.23 3.45 -20.73
C GLY A 132 20.09 2.01 -21.17
N GLU A 133 19.85 1.12 -20.20
CA GLU A 133 19.61 -0.28 -20.48
C GLU A 133 18.18 -0.54 -20.92
N ILE A 134 17.31 0.44 -20.72
CA ILE A 134 15.90 0.33 -21.11
C ILE A 134 15.71 0.84 -22.55
N LEU A 135 16.25 2.02 -22.82
CA LEU A 135 16.03 2.76 -24.07
C LEU A 135 16.39 1.96 -25.33
N ASN A 136 17.54 1.30 -25.32
CA ASN A 136 18.02 0.59 -26.50
C ASN A 136 17.38 -0.79 -26.75
N LYS A 137 16.52 -1.23 -25.81
CA LYS A 137 15.77 -2.47 -25.95
C LYS A 137 14.32 -2.26 -26.44
N ILE A 138 13.88 -1.02 -26.48
CA ILE A 138 12.50 -0.71 -26.89
C ILE A 138 12.34 -0.79 -28.40
N ASP A 139 11.38 -1.61 -28.84
CA ASP A 139 11.01 -1.70 -30.27
C ASP A 139 9.51 -1.96 -30.37
N LYS A 140 9.00 -2.21 -31.58
CA LYS A 140 7.57 -2.39 -31.81
C LYS A 140 6.99 -3.62 -31.11
N ASP A 141 7.84 -4.62 -30.87
CA ASP A 141 7.37 -5.86 -30.27
C ASP A 141 7.52 -5.87 -28.74
N THR A 142 7.83 -4.71 -28.17
CA THR A 142 8.00 -4.62 -26.72
C THR A 142 6.90 -3.87 -26.01
N LEU A 143 6.40 -4.47 -24.93
CA LEU A 143 5.56 -3.75 -23.98
C LEU A 143 6.49 -3.15 -22.92
N VAL A 144 6.49 -1.83 -22.83
CA VAL A 144 7.34 -1.15 -21.86
C VAL A 144 6.55 -0.90 -20.59
N ILE A 145 7.05 -1.44 -19.47
CA ILE A 145 6.45 -1.19 -18.15
C ILE A 145 7.39 -0.36 -17.25
N ILE A 146 6.87 0.73 -16.71
CA ILE A 146 7.63 1.56 -15.78
C ILE A 146 7.00 1.47 -14.38
N THR A 147 7.72 0.91 -13.42
CA THR A 147 7.31 1.04 -12.01
C THR A 147 7.68 2.45 -11.53
N GLY A 148 6.67 3.25 -11.18
CA GLY A 148 6.87 4.68 -10.90
C GLY A 148 7.62 4.95 -9.61
N SER A 149 7.39 4.11 -8.60
CA SER A 149 7.94 4.36 -7.27
C SER A 149 7.97 3.09 -6.44
N THR A 150 8.66 3.18 -5.30
CA THR A 150 8.59 2.18 -4.25
C THR A 150 7.88 2.78 -3.03
N MET A 151 7.42 1.93 -2.11
CA MET A 151 6.81 2.39 -0.86
C MET A 151 7.87 3.02 0.02
N ASP A 152 9.13 2.69 -0.29
CA ASP A 152 10.32 3.31 0.28
C ASP A 152 10.46 4.77 -0.15
N LEU A 153 9.58 5.22 -1.05
CA LEU A 153 9.57 6.60 -1.53
C LEU A 153 10.70 6.96 -2.51
N LYS A 154 11.31 5.95 -3.12
CA LYS A 154 12.15 6.14 -4.30
C LYS A 154 11.24 6.28 -5.50
N VAL A 155 11.57 7.20 -6.39
CA VAL A 155 10.81 7.43 -7.64
C VAL A 155 11.72 7.40 -8.86
N ILE A 156 11.16 7.02 -10.01
CA ILE A 156 11.81 7.19 -11.31
C ILE A 156 11.99 8.70 -11.54
N GLU A 157 13.19 9.11 -11.93
CA GLU A 157 13.48 10.52 -12.25
C GLU A 157 12.58 10.97 -13.39
N LEU A 158 12.02 12.18 -13.27
CA LEU A 158 11.03 12.67 -14.22
C LEU A 158 11.53 12.75 -15.66
N GLU A 159 12.77 13.19 -15.84
CA GLU A 159 13.36 13.28 -17.18
C GLU A 159 13.58 11.88 -17.78
N ASN A 160 14.02 10.93 -16.95
CA ASN A 160 14.12 9.53 -17.37
C ASN A 160 12.77 8.95 -17.78
N PHE A 161 11.75 9.26 -16.98
CA PHE A 161 10.37 8.87 -17.24
C PHE A 161 9.94 9.32 -18.63
N LYS A 162 10.19 10.60 -18.91
CA LYS A 162 9.87 11.24 -20.18
C LYS A 162 10.70 10.70 -21.36
N LYS A 163 11.97 10.38 -21.11
CA LYS A 163 12.85 9.76 -22.12
C LYS A 163 12.35 8.38 -22.55
N VAL A 164 11.95 7.56 -21.57
CA VAL A 164 11.45 6.22 -21.88
C VAL A 164 10.16 6.36 -22.73
N ILE A 165 9.27 7.24 -22.29
CA ILE A 165 7.98 7.47 -22.98
C ILE A 165 8.20 7.98 -24.40
N ASN A 166 9.16 8.88 -24.56
CA ASN A 166 9.51 9.45 -25.87
C ASN A 166 10.03 8.38 -26.84
N THR A 167 10.82 7.45 -26.31
CA THR A 167 11.40 6.39 -27.13
C THR A 167 10.36 5.38 -27.57
N ALA A 168 9.46 4.99 -26.67
CA ALA A 168 8.32 4.14 -27.01
C ALA A 168 7.42 4.76 -28.07
N LYS A 169 7.28 6.08 -28.01
CA LYS A 169 6.47 6.84 -28.96
C LYS A 169 7.09 6.70 -30.34
N ASN A 170 8.41 6.89 -30.39
CA ASN A 170 9.20 6.73 -31.61
C ASN A 170 9.22 5.33 -32.18
N LYS A 171 9.14 4.33 -31.30
CA LYS A 171 9.21 2.93 -31.72
C LYS A 171 7.84 2.28 -31.86
N GLU A 172 6.77 3.03 -31.57
CA GLU A 172 5.39 2.52 -31.55
C GLU A 172 5.21 1.40 -30.55
N ALA A 173 5.76 1.60 -29.35
CA ALA A 173 5.61 0.66 -28.26
C ALA A 173 4.63 1.20 -27.23
N ILE A 174 3.79 0.30 -26.72
CA ILE A 174 2.84 0.62 -25.64
C ILE A 174 3.56 0.87 -24.31
N VAL A 175 3.20 1.96 -23.64
CA VAL A 175 3.75 2.24 -22.30
C VAL A 175 2.69 1.99 -21.24
N PHE A 176 3.03 1.10 -20.30
N PHE A 176 3.03 1.07 -20.34
CA PHE A 176 2.16 0.69 -19.21
CA PHE A 176 2.21 0.66 -19.20
C PHE A 176 2.83 1.03 -17.87
C PHE A 176 2.94 1.15 -17.95
N VAL A 177 2.32 2.04 -17.18
CA VAL A 177 2.93 2.49 -15.92
C VAL A 177 2.39 1.70 -14.72
N ASP A 178 3.30 1.03 -14.00
CA ASP A 178 2.97 0.40 -12.71
C ASP A 178 3.06 1.46 -11.62
N ASP A 179 1.97 2.17 -11.38
CA ASP A 179 1.91 3.18 -10.34
C ASP A 179 1.24 2.63 -9.09
N ALA A 180 1.51 1.36 -8.78
CA ALA A 180 0.94 0.69 -7.60
C ALA A 180 0.95 1.61 -6.37
N SER A 181 2.13 2.15 -6.04
CA SER A 181 2.23 3.24 -5.07
C SER A 181 2.48 4.61 -5.72
N GLY A 182 3.05 4.62 -6.93
CA GLY A 182 3.48 5.87 -7.58
C GLY A 182 2.40 6.89 -7.90
N ALA A 183 1.17 6.42 -8.10
CA ALA A 183 0.04 7.32 -8.35
C ALA A 183 -0.17 8.28 -7.18
N ARG A 184 0.29 7.86 -6.00
CA ARG A 184 0.34 8.74 -4.84
C ARG A 184 1.75 9.31 -4.67
N VAL A 185 2.74 8.40 -4.57
CA VAL A 185 4.11 8.76 -4.20
C VAL A 185 4.74 9.81 -5.12
N ARG A 186 4.68 9.59 -6.44
CA ARG A 186 5.28 10.54 -7.39
C ARG A 186 4.65 11.92 -7.30
N LEU A 187 3.35 11.96 -7.00
CA LEU A 187 2.61 13.21 -6.85
C LEU A 187 3.09 14.00 -5.64
N LEU A 188 3.47 13.28 -4.58
CA LEU A 188 4.08 13.91 -3.41
C LEU A 188 5.38 14.62 -3.80
N PHE A 189 6.02 14.09 -4.84
CA PHE A 189 7.25 14.64 -5.39
C PHE A 189 7.01 15.59 -6.57
N ASN A 190 5.75 16.00 -6.75
CA ASN A 190 5.33 16.99 -7.75
C ASN A 190 5.42 16.55 -9.23
N GLN A 191 5.34 15.24 -9.46
CA GLN A 191 5.29 14.70 -10.81
C GLN A 191 3.84 14.62 -11.31
N PRO A 192 3.64 14.77 -12.63
CA PRO A 192 2.31 14.55 -13.18
C PRO A 192 1.84 13.09 -13.11
N PRO A 193 0.52 12.86 -13.08
CA PRO A 193 -0.04 11.53 -13.27
C PRO A 193 0.50 10.86 -14.53
N ALA A 194 0.61 9.53 -14.49
CA ALA A 194 1.13 8.74 -15.60
C ALA A 194 0.42 9.00 -16.93
N LEU A 195 -0.92 9.10 -16.90
CA LEU A 195 -1.68 9.34 -18.14
C LEU A 195 -1.41 10.72 -18.73
N LYS A 196 -1.14 11.70 -17.87
CA LYS A 196 -0.75 13.04 -18.30
C LYS A 196 0.65 13.09 -18.90
N LEU A 197 1.48 12.10 -18.54
CA LEU A 197 2.83 11.98 -19.10
C LEU A 197 2.83 11.31 -20.47
N GLY A 198 1.68 10.73 -20.84
CA GLY A 198 1.54 10.09 -22.14
C GLY A 198 1.48 8.57 -22.08
N ALA A 199 1.41 8.01 -20.88
CA ALA A 199 1.28 6.56 -20.71
C ALA A 199 0.00 6.10 -21.37
N ASP A 200 0.07 4.96 -22.03
CA ASP A 200 -1.11 4.35 -22.64
C ASP A 200 -1.99 3.70 -21.58
N LEU A 201 -1.33 3.16 -20.56
CA LEU A 201 -2.04 2.46 -19.49
C LEU A 201 -1.37 2.74 -18.17
N VAL A 202 -2.15 2.72 -17.10
CA VAL A 202 -1.64 2.84 -15.74
C VAL A 202 -2.40 1.87 -14.81
N VAL A 203 -1.66 1.26 -13.87
CA VAL A 203 -2.26 0.48 -12.80
C VAL A 203 -1.82 1.08 -11.46
N THR A 204 -2.73 1.10 -10.49
CA THR A 204 -2.38 1.51 -9.13
C THR A 204 -3.10 0.63 -8.12
N SER A 205 -2.56 0.59 -6.91
CA SER A 205 -3.14 -0.17 -5.81
C SER A 205 -4.02 0.73 -4.96
N THR A 206 -5.14 0.19 -4.52
CA THR A 206 -6.11 0.97 -3.77
C THR A 206 -5.89 0.92 -2.25
N ASP A 207 -4.79 0.32 -1.81
CA ASP A 207 -4.46 0.33 -0.37
C ASP A 207 -3.08 0.90 -0.07
N LEU A 209 -1.10 4.10 0.39
CA LEU A 209 -1.39 5.51 0.67
C LEU A 209 -2.81 5.86 0.22
N MET A 210 -3.71 4.92 0.46
CA MET A 210 -5.13 5.06 0.18
C MET A 210 -5.89 4.23 1.22
N GLU A 211 -7.17 4.55 1.42
CA GLU A 211 -7.99 3.88 2.45
C GLU A 211 -8.98 2.91 1.83
N GLY A 212 -8.49 2.16 0.85
CA GLY A 212 -9.29 1.14 0.21
C GLY A 212 -8.76 -0.24 0.56
N PRO A 213 -9.40 -1.28 0.01
CA PRO A 213 -8.89 -2.62 0.19
C PRO A 213 -7.71 -2.82 -0.76
N ARG A 214 -7.02 -3.95 -0.63
CA ARG A 214 -6.08 -4.37 -1.66
C ARG A 214 -6.91 -4.61 -2.91
N GLY A 215 -6.41 -4.10 -4.02
CA GLY A 215 -7.11 -4.19 -5.31
C GLY A 215 -6.32 -3.37 -6.29
N GLY A 216 -6.69 -3.47 -7.55
CA GLY A 216 -6.03 -2.71 -8.59
C GLY A 216 -7.02 -1.86 -9.35
N LEU A 217 -6.54 -0.71 -9.81
CA LEU A 217 -7.24 0.10 -10.78
C LEU A 217 -6.40 0.09 -12.04
N LEU A 218 -7.04 -0.20 -13.17
CA LEU A 218 -6.39 -0.10 -14.46
C LEU A 218 -7.08 0.98 -15.27
N ALA A 219 -6.30 1.94 -15.77
CA ALA A 219 -6.86 3.04 -16.55
C ALA A 219 -6.02 3.37 -17.77
N GLY A 220 -6.68 3.97 -18.77
CA GLY A 220 -6.03 4.35 -20.02
C GLY A 220 -7.01 4.34 -21.16
N LYS A 221 -6.47 4.27 -22.38
CA LYS A 221 -7.28 4.33 -23.60
C LYS A 221 -8.42 3.32 -23.54
N LYS A 222 -9.65 3.80 -23.73
CA LYS A 222 -10.86 2.98 -23.66
C LYS A 222 -10.71 1.63 -24.37
N GLU A 223 -10.28 1.69 -25.63
CA GLU A 223 -10.04 0.50 -26.45
C GLU A 223 -9.14 -0.53 -25.75
N LEU A 224 -8.01 -0.07 -25.21
CA LEU A 224 -7.06 -0.93 -24.47
C LEU A 224 -7.62 -1.49 -23.16
N VAL A 225 -8.18 -0.61 -22.34
CA VAL A 225 -8.80 -1.02 -21.09
C VAL A 225 -9.91 -2.06 -21.33
N ASP A 226 -10.74 -1.86 -22.36
CA ASP A 226 -11.85 -2.77 -22.67
C ASP A 226 -11.39 -4.18 -22.98
N LYS A 227 -10.39 -4.28 -23.87
CA LYS A 227 -9.79 -5.55 -24.28
C LYS A 227 -9.19 -6.32 -23.10
N ILE A 228 -8.46 -5.59 -22.26
CA ILE A 228 -7.81 -6.17 -21.10
C ILE A 228 -8.83 -6.63 -20.07
N TYR A 229 -9.91 -5.85 -19.92
CA TYR A 229 -10.97 -6.13 -18.96
C TYR A 229 -11.74 -7.37 -19.37
N ILE A 230 -12.04 -7.47 -20.66
CA ILE A 230 -12.71 -8.65 -21.22
C ILE A 230 -11.83 -9.90 -21.01
N GLU A 231 -10.54 -9.77 -21.30
CA GLU A 231 -9.59 -10.87 -21.05
C GLU A 231 -9.61 -11.31 -19.58
N GLY A 232 -9.50 -10.34 -18.68
CA GLY A 232 -9.54 -10.56 -17.23
C GLY A 232 -10.80 -11.26 -16.75
N THR A 233 -11.96 -10.91 -17.30
CA THR A 233 -13.23 -11.49 -16.88
C THR A 233 -13.36 -12.97 -17.21
N LYS A 234 -12.56 -13.45 -18.16
CA LYS A 234 -12.53 -14.87 -18.51
C LYS A 234 -12.13 -15.76 -17.32
N PHE A 235 -11.31 -15.19 -16.43
CA PHE A 235 -10.74 -15.94 -15.29
C PHE A 235 -11.00 -15.28 -13.92
N GLY A 236 -11.93 -14.33 -13.86
CA GLY A 236 -12.32 -13.70 -12.60
C GLY A 236 -11.24 -12.85 -11.97
N LEU A 237 -10.41 -12.22 -12.82
CA LEU A 237 -9.36 -11.31 -12.38
C LEU A 237 -9.87 -9.90 -12.05
N GLU A 238 -11.07 -9.59 -12.55
CA GLU A 238 -11.72 -8.31 -12.33
C GLU A 238 -12.22 -8.21 -10.89
N ALA A 239 -12.33 -6.98 -10.38
CA ALA A 239 -12.83 -6.74 -9.02
C ALA A 239 -14.34 -6.98 -8.99
N GLN A 240 -14.79 -7.78 -8.03
CA GLN A 240 -16.22 -7.99 -7.83
C GLN A 240 -16.85 -6.72 -7.24
N PRO A 241 -18.18 -6.57 -7.31
CA PRO A 241 -18.81 -5.36 -6.76
C PRO A 241 -18.50 -5.01 -5.29
N PRO A 242 -18.41 -5.99 -4.38
CA PRO A 242 -18.07 -5.56 -3.01
C PRO A 242 -16.70 -4.90 -2.94
N LEU A 243 -15.75 -5.40 -3.74
CA LEU A 243 -14.45 -4.76 -3.86
C LEU A 243 -14.51 -3.41 -4.57
N LEU A 244 -15.34 -3.30 -5.61
CA LEU A 244 -15.52 -2.03 -6.31
C LEU A 244 -16.10 -0.94 -5.38
N ALA A 245 -16.98 -1.35 -4.47
CA ALA A 245 -17.62 -0.43 -3.51
C ALA A 245 -16.60 0.15 -2.51
N GLY A 246 -15.76 -0.72 -1.94
CA GLY A 246 -14.66 -0.28 -1.08
C GLY A 246 -13.65 0.62 -1.77
N ILE A 247 -13.34 0.28 -3.02
CA ILE A 247 -12.47 1.10 -3.89
C ILE A 247 -13.07 2.49 -4.13
N TYR A 248 -14.35 2.53 -4.46
CA TYR A 248 -15.08 3.79 -4.68
C TYR A 248 -15.00 4.72 -3.47
N ARG A 249 -15.22 4.17 -2.27
CA ARG A 249 -15.19 4.97 -1.03
C ARG A 249 -13.79 5.48 -0.71
N ALA A 250 -12.79 4.65 -0.96
CA ALA A 250 -11.38 5.05 -0.90
C ALA A 250 -11.11 6.24 -1.80
N LEU A 251 -11.51 6.11 -3.06
CA LEU A 251 -11.30 7.13 -4.08
C LEU A 251 -12.05 8.41 -3.76
N LYS A 252 -13.31 8.26 -3.36
CA LYS A 252 -14.16 9.39 -3.00
C LYS A 252 -13.55 10.20 -1.85
N ASN A 253 -13.02 9.49 -0.85
CA ASN A 253 -12.48 10.13 0.35
C ASN A 253 -11.02 10.56 0.23
N PHE A 254 -10.34 10.10 -0.82
CA PHE A 254 -8.91 10.37 -0.98
C PHE A 254 -8.63 11.85 -1.16
N ASN A 255 -7.57 12.30 -0.52
CA ASN A 255 -7.07 13.66 -0.64
C ASN A 255 -5.57 13.61 -0.39
N LEU A 256 -4.79 14.17 -1.31
CA LEU A 256 -3.33 14.12 -1.23
C LEU A 256 -2.80 14.81 0.03
N GLU A 257 -3.47 15.90 0.42
CA GLU A 257 -3.08 16.70 1.58
C GLU A 257 -3.08 15.90 2.89
N ARG A 258 -4.04 14.99 3.02
CA ARG A 258 -4.13 14.08 4.15
C ARG A 258 -2.83 13.30 4.34
N ILE A 259 -2.29 12.80 3.23
CA ILE A 259 -1.04 12.05 3.21
C ILE A 259 0.13 12.94 3.62
N ARG A 260 0.16 14.16 3.10
CA ARG A 260 1.20 15.12 3.46
C ARG A 260 1.17 15.45 4.95
N LYS A 261 -0.03 15.56 5.52
CA LYS A 261 -0.20 15.89 6.94
C LYS A 261 0.24 14.74 7.84
N ALA A 262 -0.08 13.51 7.42
CA ALA A 262 0.36 12.29 8.11
C ALA A 262 1.88 12.20 8.14
N PHE A 263 2.52 12.47 7.01
CA PHE A 263 3.99 12.50 6.95
C PHE A 263 4.55 13.61 7.85
N GLU A 264 3.89 14.76 7.90
CA GLU A 264 4.33 15.85 8.77
C GLU A 264 4.17 15.51 10.25
N ARG A 265 3.05 14.86 10.58
CA ARG A 265 2.82 14.34 11.93
C ARG A 265 3.93 13.44 12.42
N ALA A 266 4.42 12.55 11.55
CA ALA A 266 5.51 11.67 11.91
C ALA A 266 6.82 12.44 12.14
N LYS A 267 7.07 13.41 11.27
CA LYS A 267 8.25 14.28 11.36
C LYS A 267 8.28 15.04 12.70
N ASN A 268 7.13 15.56 13.11
CA ASN A 268 7.04 16.37 14.33
C ASN A 268 6.71 15.60 15.61
N PHE A 269 6.42 14.31 15.50
CA PHE A 269 6.05 13.47 16.66
C PHE A 269 7.10 13.49 17.76
N ASP A 270 6.70 13.94 18.95
CA ASP A 270 7.57 13.95 20.12
C ASP A 270 7.74 12.54 20.68
N LEU A 271 8.96 12.03 20.59
CA LEU A 271 9.32 10.70 21.07
C LEU A 271 10.21 10.70 22.33
N SER A 272 10.41 11.87 22.92
CA SER A 272 11.32 12.05 24.06
C SER A 272 10.92 11.32 25.34
N LYS A 273 9.61 11.07 25.52
CA LYS A 273 9.13 10.31 26.68
C LYS A 273 9.65 8.87 26.66
N ILE A 274 9.92 8.34 25.46
CA ILE A 274 10.51 7.01 25.31
C ILE A 274 11.91 6.97 25.94
N GLU A 275 12.73 7.98 25.61
CA GLU A 275 14.08 8.15 26.15
C GLU A 275 14.05 8.39 27.65
N LYS A 276 13.11 9.25 28.08
CA LYS A 276 12.83 9.48 29.49
C LYS A 276 12.51 8.18 30.23
N LEU A 277 11.65 7.36 29.64
CA LEU A 277 11.29 6.07 30.21
C LEU A 277 12.48 5.11 30.27
N ASN A 278 13.24 5.07 29.19
CA ASN A 278 14.46 4.26 29.11
C ASN A 278 15.39 4.47 30.30
N LYS A 279 15.74 5.73 30.57
CA LYS A 279 16.66 6.05 31.65
C LYS A 279 16.02 5.80 33.01
N GLU A 280 14.71 6.01 33.09
CA GLU A 280 13.91 5.76 34.28
C GLU A 280 13.88 4.28 34.69
N LEU A 281 13.74 3.38 33.72
CA LEU A 281 13.60 1.94 34.00
C LEU A 281 14.91 1.21 34.32
N LYS A 282 16.04 1.87 34.07
CA LYS A 282 17.34 1.32 34.47
C LYS A 282 17.49 1.23 36.00
N ALA A 283 16.59 1.89 36.73
CA ALA A 283 16.48 1.73 38.18
C ALA A 283 15.99 0.34 38.54
N ILE A 284 15.07 -0.17 37.73
CA ILE A 284 14.50 -1.51 37.90
C ILE A 284 15.50 -2.61 37.54
N ASP A 285 16.17 -2.43 36.40
CA ASP A 285 16.97 -3.48 35.76
C ASP A 285 17.92 -2.83 34.74
N ASP A 286 19.22 -2.98 34.95
CA ASP A 286 20.24 -2.37 34.09
C ASP A 286 20.30 -2.94 32.67
N ASN A 287 19.66 -4.09 32.45
CA ASN A 287 19.60 -4.73 31.12
C ASN A 287 18.52 -4.16 30.19
N ILE A 288 17.66 -3.31 30.72
CA ILE A 288 16.64 -2.65 29.89
C ILE A 288 17.31 -1.61 29.01
N ASN A 289 16.99 -1.63 27.71
CA ASN A 289 17.61 -0.74 26.73
C ASN A 289 16.65 -0.50 25.57
N ILE A 290 15.82 0.53 25.71
CA ILE A 290 14.84 0.87 24.70
C ILE A 290 15.52 1.60 23.54
N VAL A 291 15.47 0.95 22.36
CA VAL A 291 16.01 1.50 21.13
C VAL A 291 14.84 1.78 20.19
N TYR A 292 14.73 3.03 19.76
CA TYR A 292 13.66 3.42 18.84
C TYR A 292 14.24 4.23 17.70
N GLU A 293 13.52 4.28 16.58
CA GLU A 293 13.93 5.09 15.44
C GLU A 293 12.72 5.74 14.78
N ARG A 294 12.83 7.04 14.52
CA ARG A 294 11.85 7.77 13.73
C ARG A 294 11.87 7.25 12.30
N THR A 295 10.71 7.30 11.65
CA THR A 295 10.50 6.68 10.38
C THR A 295 9.71 7.69 9.52
N PRO A 296 9.85 7.62 8.18
CA PRO A 296 9.05 8.47 7.31
C PRO A 296 7.55 8.48 7.64
N THR A 297 6.99 7.34 8.07
CA THR A 297 5.56 7.23 8.37
C THR A 297 5.22 7.15 9.87
N GLY A 298 6.22 7.13 10.72
CA GLY A 298 5.97 7.13 12.16
C GLY A 298 7.23 6.82 12.91
N PHE A 299 7.21 5.71 13.63
CA PHE A 299 8.38 5.27 14.37
C PHE A 299 8.33 3.78 14.67
N VAL A 300 9.49 3.24 15.00
CA VAL A 300 9.66 1.84 15.32
C VAL A 300 10.42 1.74 16.63
N ILE A 301 9.97 0.86 17.52
CA ILE A 301 10.75 0.48 18.68
C ILE A 301 11.37 -0.88 18.38
N LYS A 302 12.67 -0.87 18.17
CA LYS A 302 13.41 -2.04 17.71
C LYS A 302 13.76 -2.97 18.86
N ARG A 303 14.00 -2.40 20.03
CA ARG A 303 14.52 -3.15 21.16
C ARG A 303 14.09 -2.52 22.49
N VAL A 304 13.95 -3.37 23.52
CA VAL A 304 13.65 -2.95 24.89
C VAL A 304 14.58 -3.62 25.92
N TYR A 305 15.32 -4.63 25.49
CA TYR A 305 16.15 -5.38 26.42
C TYR A 305 17.41 -5.85 25.73
N LYS A 306 18.50 -5.94 26.51
CA LYS A 306 19.81 -6.27 25.96
C LYS A 306 19.97 -7.74 25.59
N ASP A 307 19.44 -8.64 26.42
CA ASP A 307 19.46 -10.08 26.12
C ASP A 307 18.44 -10.36 25.03
N ASP A 308 18.87 -11.01 23.96
CA ASP A 308 18.05 -11.14 22.75
C ASP A 308 16.78 -11.96 22.93
N THR A 309 16.82 -12.96 23.79
CA THR A 309 15.69 -13.86 24.01
C THR A 309 14.55 -13.19 24.80
N ILE A 310 14.91 -12.46 25.85
CA ILE A 310 13.94 -11.71 26.64
C ILE A 310 13.40 -10.50 25.85
N ASN A 311 14.27 -9.86 25.08
CA ASN A 311 13.87 -8.81 24.15
C ASN A 311 12.62 -9.22 23.36
N ILE A 312 12.72 -10.34 22.65
CA ILE A 312 11.61 -10.91 21.87
C ILE A 312 10.35 -11.02 22.72
N LYS A 313 10.48 -11.72 23.84
CA LYS A 313 9.38 -11.97 24.76
C LYS A 313 8.71 -10.67 25.22
N LYS A 314 9.53 -9.71 25.63
CA LYS A 314 9.02 -8.43 26.13
C LYS A 314 8.30 -7.61 25.07
N LEU A 315 8.82 -7.60 23.84
CA LEU A 315 8.21 -6.87 22.72
C LEU A 315 6.79 -7.38 22.40
N ILE A 316 6.64 -8.70 22.45
CA ILE A 316 5.34 -9.35 22.27
C ILE A 316 4.38 -8.99 23.41
N GLU A 317 4.89 -9.03 24.64
CA GLU A 317 4.12 -8.66 25.83
C GLU A 317 3.62 -7.21 25.80
N ILE A 318 4.51 -6.30 25.38
CA ILE A 318 4.20 -4.88 25.18
C ILE A 318 3.12 -4.68 24.11
N GLY A 319 3.28 -5.37 22.98
CA GLY A 319 2.25 -5.38 21.93
C GLY A 319 0.89 -5.81 22.46
N PHE A 320 0.88 -6.86 23.28
CA PHE A 320 -0.34 -7.32 23.91
C PHE A 320 -0.91 -6.31 24.91
N ASN A 321 -0.02 -5.68 25.68
CA ASN A 321 -0.40 -4.58 26.57
C ASN A 321 -1.04 -3.43 25.80
N LEU A 322 -0.41 -3.07 24.68
CA LEU A 322 -0.92 -2.03 23.79
C LEU A 322 -2.34 -2.31 23.32
N LEU A 323 -2.60 -3.55 22.93
CA LEU A 323 -3.90 -3.99 22.46
C LEU A 323 -4.92 -4.00 23.59
N LYS A 324 -4.58 -4.71 24.68
CA LYS A 324 -5.46 -4.92 25.83
C LYS A 324 -5.94 -3.63 26.46
N ASN A 325 -5.00 -2.71 26.71
CA ASN A 325 -5.28 -1.54 27.52
C ASN A 325 -5.62 -0.30 26.72
N TYR A 326 -5.18 -0.29 25.46
CA TYR A 326 -5.30 0.90 24.63
C TYR A 326 -5.90 0.67 23.24
N GLY A 327 -6.19 -0.60 22.92
CA GLY A 327 -6.80 -0.96 21.63
C GLY A 327 -5.90 -0.77 20.42
N ILE A 328 -4.62 -0.52 20.65
CA ILE A 328 -3.66 -0.32 19.56
C ILE A 328 -3.16 -1.65 19.01
N ILE A 329 -3.41 -1.86 17.73
CA ILE A 329 -2.99 -3.07 17.03
C ILE A 329 -1.65 -2.82 16.31
N THR A 330 -0.68 -3.70 16.58
CA THR A 330 0.65 -3.67 15.96
C THR A 330 1.02 -5.09 15.60
N ILE A 331 2.17 -5.27 14.94
CA ILE A 331 2.62 -6.61 14.52
C ILE A 331 3.10 -7.50 15.66
N THR A 332 3.78 -6.93 16.66
CA THR A 332 4.36 -7.73 17.76
C THR A 332 3.34 -8.58 18.53
N VAL A 333 2.06 -8.31 18.30
CA VAL A 333 0.98 -9.08 18.93
C VAL A 333 0.88 -10.49 18.33
N ALA A 334 1.40 -10.66 17.11
CA ALA A 334 1.61 -11.98 16.52
C ALA A 334 2.98 -12.49 16.97
N GLY A 335 3.01 -13.75 17.41
CA GLY A 335 4.20 -14.32 18.04
C GLY A 335 5.42 -14.53 17.15
N MET A 336 6.59 -14.27 17.72
CA MET A 336 7.92 -14.50 17.09
C MET A 336 8.24 -13.67 15.82
N PRO A 337 9.49 -13.76 15.30
CA PRO A 337 9.86 -12.96 14.12
C PRO A 337 9.33 -13.50 12.79
N GLY A 338 10.05 -13.21 11.69
CA GLY A 338 9.61 -13.58 10.35
C GLY A 338 9.06 -12.35 9.63
N ALA A 339 8.00 -11.79 10.18
CA ALA A 339 7.42 -10.54 9.70
C ALA A 339 7.56 -9.48 10.79
N SER A 340 8.32 -8.42 10.48
CA SER A 340 8.57 -7.29 11.38
C SER A 340 9.31 -7.68 12.68
N LYS A 341 8.53 -7.98 13.73
CA LYS A 341 9.01 -8.19 15.12
C LYS A 341 9.17 -6.87 15.89
N SER A 342 9.73 -5.86 15.24
CA SER A 342 9.82 -4.52 15.82
C SER A 342 8.42 -3.97 16.05
N LEU A 343 8.26 -3.22 17.13
CA LEU A 343 6.99 -2.56 17.40
C LEU A 343 6.89 -1.32 16.51
N ARG A 344 5.99 -1.36 15.53
CA ARG A 344 5.90 -0.32 14.51
C ARG A 344 4.59 0.45 14.57
N ILE A 345 4.70 1.78 14.52
CA ILE A 345 3.56 2.68 14.50
C ILE A 345 3.58 3.46 13.19
N ASP A 346 2.54 3.26 12.37
CA ASP A 346 2.39 3.95 11.10
C ASP A 346 1.31 5.02 11.20
N LEU A 347 1.73 6.28 11.22
CA LEU A 347 0.80 7.39 11.38
C LEU A 347 -0.04 7.73 10.14
N THR A 348 0.25 7.09 9.01
CA THR A 348 -0.56 7.24 7.81
C THR A 348 -1.83 6.38 7.85
N SER A 349 -1.90 5.47 8.81
CA SER A 349 -3.08 4.63 9.02
C SER A 349 -4.31 5.47 9.32
N ARG A 350 -5.44 5.06 8.76
CA ARG A 350 -6.72 5.75 8.98
C ARG A 350 -7.04 5.93 10.46
N ASP A 351 -6.76 4.88 11.25
CA ASP A 351 -7.09 4.86 12.68
C ASP A 351 -6.32 5.88 13.51
N ALA A 352 -5.12 6.24 13.04
CA ALA A 352 -4.31 7.26 13.70
C ALA A 352 -4.98 8.64 13.69
N GLU A 353 -5.96 8.86 12.80
CA GLU A 353 -6.76 10.09 12.78
C GLU A 353 -7.68 10.20 13.99
N ARG A 354 -8.01 9.04 14.58
CA ARG A 354 -8.96 8.96 15.70
C ARG A 354 -8.30 9.19 17.08
N ILE A 355 -6.98 9.26 17.11
CA ILE A 355 -6.23 9.48 18.36
C ILE A 355 -5.10 10.49 18.20
N ASP A 356 -4.90 11.31 19.21
CA ASP A 356 -3.82 12.30 19.21
C ASP A 356 -2.48 11.70 19.61
N ASP A 357 -1.42 12.49 19.39
CA ASP A 357 -0.05 12.12 19.73
C ASP A 357 0.07 11.70 21.19
N ASN A 358 -0.64 12.40 22.07
CA ASN A 358 -0.64 12.10 23.51
C ASN A 358 -1.15 10.71 23.87
N TYR A 359 -2.20 10.26 23.19
CA TYR A 359 -2.77 8.93 23.43
C TYR A 359 -1.76 7.85 23.06
N ILE A 360 -1.11 8.04 21.93
CA ILE A 360 -0.18 7.07 21.37
C ILE A 360 1.07 6.94 22.23
N ILE A 361 1.68 8.08 22.58
CA ILE A 361 2.92 8.06 23.34
C ILE A 361 2.71 7.55 24.77
N LYS A 362 1.58 7.92 25.38
CA LYS A 362 1.23 7.46 26.73
C LYS A 362 0.90 5.96 26.74
N ALA A 363 0.25 5.50 25.68
CA ALA A 363 -0.05 4.08 25.50
C ALA A 363 1.24 3.28 25.39
N ILE A 364 2.21 3.81 24.66
CA ILE A 364 3.50 3.12 24.50
C ILE A 364 4.28 3.11 25.80
N VAL A 365 4.40 4.28 26.44
CA VAL A 365 5.09 4.41 27.71
C VAL A 365 4.53 3.45 28.76
N GLU A 366 3.21 3.48 28.95
CA GLU A 366 2.55 2.64 29.95
C GLU A 366 2.63 1.14 29.64
N SER A 367 2.55 0.79 28.35
CA SER A 367 2.64 -0.62 27.92
C SER A 367 4.03 -1.20 28.15
N ILE A 368 5.07 -0.39 27.94
CA ILE A 368 6.44 -0.79 28.25
C ILE A 368 6.63 -0.94 29.76
N LYS A 369 6.28 0.10 30.52
CA LYS A 369 6.33 0.08 31.99
C LYS A 369 5.68 -1.16 32.62
N MET A 370 4.52 -1.53 32.08
CA MET A 370 3.74 -2.67 32.56
C MET A 370 4.51 -3.99 32.40
N ALA A 371 5.24 -4.10 31.28
CA ALA A 371 6.03 -5.30 30.98
C ALA A 371 7.29 -5.41 31.83
N PHE A 372 7.68 -4.31 32.46
CA PHE A 372 8.90 -4.29 33.28
C PHE A 372 8.64 -4.04 34.77
N LYS A 373 7.51 -4.56 35.25
CA LYS A 373 7.23 -4.61 36.68
C LYS A 373 8.29 -5.47 37.36
N SER A 374 8.76 -5.02 38.52
CA SER A 374 9.67 -5.84 39.34
C SER A 374 8.91 -7.03 39.94
#